data_5ZHI
#
_entry.id   5ZHI
#
_cell.length_a   44.170
_cell.length_b   113.070
_cell.length_c   44.210
_cell.angle_alpha   90.00
_cell.angle_beta   110.75
_cell.angle_gamma   90.00
#
_symmetry.space_group_name_H-M   'P 1 21 1'
#
loop_
_entity.id
_entity.type
_entity.pdbx_description
1 polymer 'tRNA (guanine-N(1)-)-methyltransferase'
2 water water
#
_entity_poly.entity_id   1
_entity_poly.type   'polypeptide(L)'
_entity_poly.pdbx_seq_one_letter_code
;MRIDIVTIFPACLDPLRQSLPGKAIESGLVDLNVHDLRRWTHDVHHSVDDAPYGGGPGMVMKAPVWGEALDEICSSETLL
IVPTPAGVLFTQATAQRWTTESHLVFACGRYEGIDQRVVQDAARRMRVEEVSIGDYVLPGGESAAVVMVEAVLRLLAGVL
GNPASHQDDSHSTGLDGLLEGPSYTRPASWRGLDVPEVLLSGDHARIAAWRREVSLQRTRERRPDLSHPDGSHHHHHH
;
_entity_poly.pdbx_strand_id   A,B
#
# COMPACT_ATOMS: atom_id res chain seq x y z
N MET A 1 17.11 -5.07 13.78
CA MET A 1 16.97 -4.63 12.37
C MET A 1 17.13 -3.13 12.28
N ARG A 2 17.83 -2.72 11.22
CA ARG A 2 18.06 -1.33 10.93
C ARG A 2 17.44 -1.03 9.60
N ILE A 3 16.68 0.07 9.52
CA ILE A 3 15.98 0.44 8.29
C ILE A 3 16.28 1.91 7.94
N ASP A 4 16.63 2.16 6.69
CA ASP A 4 16.74 3.51 6.15
C ASP A 4 15.73 3.60 5.04
N ILE A 5 15.05 4.76 4.96
CA ILE A 5 14.18 5.07 3.84
C ILE A 5 14.63 6.41 3.27
N VAL A 6 14.92 6.45 1.98
CA VAL A 6 15.41 7.66 1.32
C VAL A 6 14.34 8.15 0.38
N THR A 7 14.04 9.45 0.45
CA THR A 7 12.82 9.97 -0.18
C THR A 7 12.93 11.49 -0.26
N ILE A 8 12.17 12.10 -1.15
CA ILE A 8 12.03 13.55 -1.17
C ILE A 8 10.77 14.00 -0.40
N PHE A 9 10.04 13.06 0.21
CA PHE A 9 8.92 13.40 1.10
C PHE A 9 8.98 12.62 2.41
N PRO A 10 9.94 12.96 3.30
CA PRO A 10 10.15 12.28 4.58
C PRO A 10 8.88 12.19 5.44
N ALA A 11 8.04 13.24 5.40
CA ALA A 11 6.81 13.28 6.22
C ALA A 11 5.81 12.19 5.85
N CYS A 12 5.84 11.73 4.59
CA CYS A 12 5.00 10.59 4.19
C CYS A 12 5.28 9.29 4.96
N LEU A 13 6.41 9.24 5.65
CA LEU A 13 6.80 7.99 6.36
C LEU A 13 6.39 8.01 7.85
N ASP A 14 5.79 9.14 8.27
CA ASP A 14 5.29 9.32 9.64
C ASP A 14 4.34 8.26 10.23
N PRO A 15 3.53 7.57 9.41
CA PRO A 15 2.74 6.45 9.98
C PRO A 15 3.56 5.34 10.66
N LEU A 16 4.83 5.21 10.27
CA LEU A 16 5.69 4.17 10.83
C LEU A 16 6.08 4.48 12.28
N ARG A 17 5.87 5.70 12.74
CA ARG A 17 6.11 6.02 14.13
C ARG A 17 4.84 5.83 14.99
N GLN A 18 3.76 5.37 14.40
CA GLN A 18 2.50 5.17 15.15
C GLN A 18 2.19 3.68 15.31
N SER A 19 1.27 3.37 16.23
CA SER A 19 0.73 2.02 16.42
C SER A 19 1.82 0.92 16.52
N LEU A 20 1.62 -0.17 15.79
CA LEU A 20 2.49 -1.34 15.95
C LEU A 20 3.93 -1.12 15.49
N PRO A 21 4.15 -0.48 14.34
CA PRO A 21 5.55 -0.26 13.99
C PRO A 21 6.22 0.73 14.95
N GLY A 22 5.49 1.75 15.39
CA GLY A 22 5.97 2.67 16.42
C GLY A 22 6.50 1.95 17.66
N LYS A 23 5.82 0.89 18.08
CA LYS A 23 6.22 0.13 19.27
C LYS A 23 7.49 -0.66 19.02
N ALA A 24 7.55 -1.28 17.86
CA ALA A 24 8.76 -1.98 17.43
C ALA A 24 10.00 -1.10 17.46
N ILE A 25 9.84 0.14 17.06
CA ILE A 25 10.96 1.07 16.99
C ILE A 25 11.35 1.56 18.37
N GLU A 26 10.36 1.96 19.18
CA GLU A 26 10.62 2.46 20.55
C GLU A 26 11.35 1.45 21.41
N SER A 27 11.00 0.17 21.22
CA SER A 27 11.51 -0.94 22.02
C SER A 27 12.94 -1.33 21.67
N GLY A 28 13.50 -0.72 20.61
CA GLY A 28 14.82 -1.09 20.14
C GLY A 28 14.84 -2.42 19.38
N LEU A 29 13.68 -2.94 18.99
CA LEU A 29 13.66 -4.02 17.99
C LEU A 29 14.24 -3.52 16.65
N VAL A 30 13.90 -2.28 16.28
CA VAL A 30 14.19 -1.74 14.94
C VAL A 30 14.63 -0.28 15.04
N ASP A 31 15.77 0.07 14.43
CA ASP A 31 16.16 1.46 14.22
C ASP A 31 15.60 1.92 12.89
N LEU A 32 14.89 3.04 12.83
CA LEU A 32 14.40 3.59 11.55
C LEU A 32 14.91 4.98 11.32
N ASN A 33 15.55 5.19 10.18
CA ASN A 33 16.00 6.53 9.84
C ASN A 33 15.41 6.90 8.50
N VAL A 34 14.79 8.08 8.44
CA VAL A 34 14.17 8.53 7.21
C VAL A 34 15.01 9.67 6.72
N HIS A 35 15.48 9.61 5.46
CA HIS A 35 16.41 10.61 4.95
C HIS A 35 15.80 11.39 3.79
N ASP A 36 16.04 12.69 3.73
CA ASP A 36 15.60 13.51 2.58
C ASP A 36 16.66 13.40 1.47
N LEU A 37 16.32 12.84 0.33
CA LEU A 37 17.31 12.67 -0.75
C LEU A 37 18.06 13.96 -1.10
N ARG A 38 17.35 15.08 -1.01
CA ARG A 38 17.92 16.37 -1.36
C ARG A 38 19.18 16.73 -0.56
N ARG A 39 19.38 16.10 0.58
CA ARG A 39 20.61 16.29 1.33
C ARG A 39 21.92 15.85 0.63
N TRP A 40 21.82 15.03 -0.42
CA TRP A 40 22.98 14.62 -1.22
C TRP A 40 23.07 15.38 -2.58
N THR A 41 22.35 16.50 -2.70
CA THR A 41 22.46 17.39 -3.88
C THR A 41 23.38 18.57 -3.57
N HIS A 42 24.00 19.10 -4.62
CA HIS A 42 25.03 20.11 -4.46
C HIS A 42 24.82 21.42 -5.25
N ASP A 43 23.75 21.50 -6.02
CA ASP A 43 23.40 22.74 -6.77
C ASP A 43 22.38 23.55 -5.97
N VAL A 44 22.10 24.75 -6.46
CA VAL A 44 21.29 25.76 -5.76
C VAL A 44 19.84 25.32 -5.54
N HIS A 45 19.25 24.69 -6.55
CA HIS A 45 17.85 24.27 -6.46
C HIS A 45 17.69 22.87 -5.89
N HIS A 46 18.80 22.22 -5.53
CA HIS A 46 18.78 20.87 -4.95
C HIS A 46 17.99 19.89 -5.84
N SER A 47 18.31 19.89 -7.13
CA SER A 47 17.50 19.15 -8.09
C SER A 47 17.85 17.65 -8.08
N VAL A 48 16.81 16.84 -8.14
CA VAL A 48 16.95 15.40 -8.09
C VAL A 48 16.49 14.74 -9.39
N ASP A 49 16.09 15.54 -10.37
CA ASP A 49 15.48 14.96 -11.55
C ASP A 49 15.88 15.73 -12.82
N ASP A 50 15.75 15.05 -13.96
CA ASP A 50 16.08 15.65 -15.25
C ASP A 50 15.34 14.88 -16.34
N ALA A 51 15.26 15.43 -17.55
CA ALA A 51 14.42 14.84 -18.60
C ALA A 51 15.02 13.52 -19.06
N PRO A 52 14.15 12.57 -19.45
CA PRO A 52 14.60 11.25 -19.87
C PRO A 52 15.24 11.27 -21.25
N TYR A 53 16.35 10.56 -21.42
CA TYR A 53 16.89 10.28 -22.78
C TYR A 53 15.85 9.50 -23.59
N GLY A 54 15.68 9.92 -24.84
CA GLY A 54 14.83 9.23 -25.77
C GLY A 54 13.39 9.69 -25.65
N GLY A 55 13.19 10.78 -24.92
CA GLY A 55 11.90 11.42 -24.85
C GLY A 55 10.96 10.79 -23.85
N GLY A 56 9.77 11.36 -23.79
CA GLY A 56 8.69 10.82 -23.00
C GLY A 56 8.09 11.89 -22.11
N PRO A 57 7.03 11.54 -21.37
CA PRO A 57 6.43 12.43 -20.41
C PRO A 57 7.12 12.32 -19.07
N GLY A 58 7.30 13.44 -18.40
CA GLY A 58 7.76 13.43 -17.01
C GLY A 58 9.26 13.49 -16.90
N MET A 59 9.76 13.27 -15.68
CA MET A 59 11.16 13.45 -15.37
C MET A 59 11.69 12.14 -14.80
N VAL A 60 13.01 12.00 -14.80
CA VAL A 60 13.66 10.85 -14.20
C VAL A 60 14.57 11.33 -13.07
N MET A 61 14.64 10.55 -12.00
CA MET A 61 15.56 10.86 -10.92
C MET A 61 17.02 10.55 -11.29
N LYS A 62 17.87 11.52 -10.99
CA LYS A 62 19.26 11.51 -11.37
C LYS A 62 20.02 10.44 -10.63
N ALA A 63 20.93 9.81 -11.34
CA ALA A 63 21.75 8.79 -10.73
C ALA A 63 22.81 9.33 -9.75
N PRO A 64 23.48 10.47 -10.07
CA PRO A 64 24.59 10.91 -9.17
C PRO A 64 24.15 11.21 -7.74
N VAL A 65 22.96 11.77 -7.59
CA VAL A 65 22.44 12.08 -6.25
C VAL A 65 22.07 10.79 -5.49
N TRP A 66 21.41 9.84 -6.18
CA TRP A 66 21.05 8.54 -5.57
C TRP A 66 22.30 7.74 -5.26
N GLY A 67 23.25 7.78 -6.19
CA GLY A 67 24.54 7.11 -6.02
C GLY A 67 25.28 7.49 -4.77
N GLU A 68 25.37 8.79 -4.51
CA GLU A 68 25.97 9.32 -3.28
C GLU A 68 25.25 8.92 -2.02
N ALA A 69 23.91 8.99 -2.05
CA ALA A 69 23.12 8.64 -0.89
C ALA A 69 23.37 7.20 -0.50
N LEU A 70 23.16 6.31 -1.44
CA LEU A 70 23.38 4.89 -1.22
C LEU A 70 24.85 4.52 -0.91
N ASP A 71 25.83 5.15 -1.58
CA ASP A 71 27.27 5.06 -1.14
C ASP A 71 27.38 5.26 0.37
N GLU A 72 26.76 6.30 0.92
CA GLU A 72 26.91 6.57 2.36
C GLU A 72 26.08 5.63 3.24
N ILE A 73 24.88 5.27 2.81
CA ILE A 73 23.93 4.59 3.69
C ILE A 73 24.13 3.06 3.68
N CYS A 74 24.46 2.50 2.50
CA CYS A 74 24.49 1.06 2.28
C CYS A 74 25.87 0.46 2.52
N SER A 75 25.86 -0.79 2.99
CA SER A 75 27.02 -1.63 3.02
C SER A 75 26.78 -2.81 2.09
N SER A 76 27.72 -3.74 2.10
CA SER A 76 27.63 -4.94 1.30
C SER A 76 26.67 -5.95 1.89
N GLU A 77 26.23 -5.74 3.13
CA GLU A 77 25.22 -6.62 3.72
C GLU A 77 23.78 -6.12 3.50
N THR A 78 23.65 -4.91 2.98
CA THR A 78 22.35 -4.27 2.87
C THR A 78 21.52 -4.94 1.83
N LEU A 79 20.23 -5.09 2.11
CA LEU A 79 19.27 -5.38 1.07
C LEU A 79 18.63 -4.07 0.63
N LEU A 80 18.83 -3.72 -0.62
CA LEU A 80 18.27 -2.50 -1.19
C LEU A 80 16.99 -2.83 -1.92
N ILE A 81 15.91 -2.13 -1.54
CA ILE A 81 14.58 -2.33 -2.15
C ILE A 81 14.07 -1.08 -2.85
N VAL A 82 13.61 -1.27 -4.07
CA VAL A 82 13.14 -0.17 -4.87
C VAL A 82 11.72 -0.46 -5.21
N PRO A 83 10.79 0.26 -4.55
CA PRO A 83 9.39 0.06 -4.93
C PRO A 83 9.14 0.57 -6.33
N THR A 84 8.49 -0.24 -7.15
CA THR A 84 8.24 0.14 -8.51
C THR A 84 7.24 -0.80 -9.13
N PRO A 85 6.36 -0.27 -10.00
CA PRO A 85 5.40 -1.10 -10.72
C PRO A 85 6.08 -2.11 -11.67
N ALA A 86 7.37 -1.92 -11.96
CA ALA A 86 8.10 -2.87 -12.76
C ALA A 86 8.68 -4.03 -11.92
N GLY A 87 8.35 -4.08 -10.63
CA GLY A 87 8.97 -5.05 -9.71
C GLY A 87 8.22 -6.33 -9.63
N VAL A 88 8.84 -7.35 -9.03
CA VAL A 88 8.11 -8.59 -8.69
C VAL A 88 7.12 -8.29 -7.53
N LEU A 89 6.04 -9.05 -7.43
CA LEU A 89 5.04 -8.80 -6.38
C LEU A 89 5.54 -9.07 -4.98
N PHE A 90 5.32 -8.09 -4.08
CA PHE A 90 5.49 -8.26 -2.63
C PHE A 90 4.40 -9.20 -2.10
N THR A 91 4.81 -10.20 -1.32
CA THR A 91 3.87 -11.13 -0.65
C THR A 91 4.20 -11.36 0.82
N GLN A 92 3.32 -12.06 1.54
CA GLN A 92 3.62 -12.50 2.90
C GLN A 92 4.94 -13.25 3.01
N ALA A 93 5.28 -14.02 1.98
CA ALA A 93 6.54 -14.80 1.99
C ALA A 93 7.75 -13.88 1.91
N THR A 94 7.66 -12.85 1.08
CA THR A 94 8.66 -11.76 1.07
C THR A 94 8.80 -11.12 2.45
N ALA A 95 7.67 -10.76 3.04
CA ALA A 95 7.67 -10.12 4.36
C ALA A 95 8.33 -11.03 5.39
N GLN A 96 7.97 -12.31 5.38
CA GLN A 96 8.54 -13.26 6.36
C GLN A 96 10.05 -13.33 6.18
N ARG A 97 10.48 -13.55 4.94
CA ARG A 97 11.90 -13.57 4.62
C ARG A 97 12.68 -12.32 5.04
N TRP A 98 12.05 -11.14 4.98
CA TRP A 98 12.79 -9.88 5.25
C TRP A 98 13.02 -9.62 6.73
N THR A 99 12.35 -10.40 7.59
CA THR A 99 12.56 -10.33 9.05
C THR A 99 13.92 -10.89 9.42
N THR A 100 14.51 -11.65 8.51
CA THR A 100 15.84 -12.23 8.73
C THR A 100 16.94 -11.28 8.33
N GLU A 101 16.58 -10.16 7.73
CA GLU A 101 17.58 -9.19 7.25
C GLU A 101 18.00 -8.25 8.33
N SER A 102 19.26 -7.85 8.30
CA SER A 102 19.81 -6.97 9.28
C SER A 102 19.65 -5.51 8.86
N HIS A 103 19.72 -5.25 7.57
CA HIS A 103 19.68 -3.89 7.05
C HIS A 103 18.86 -3.79 5.77
N LEU A 104 17.68 -3.18 5.91
CA LEU A 104 16.82 -2.87 4.78
C LEU A 104 16.95 -1.39 4.43
N VAL A 105 17.13 -1.11 3.13
CA VAL A 105 17.18 0.24 2.66
C VAL A 105 16.14 0.37 1.60
N PHE A 106 15.24 1.35 1.77
CA PHE A 106 14.15 1.61 0.82
C PHE A 106 14.47 2.87 0.03
N ALA A 107 14.59 2.72 -1.29
CA ALA A 107 14.85 3.86 -2.16
C ALA A 107 13.55 4.21 -2.89
N CYS A 108 12.89 5.21 -2.36
CA CYS A 108 11.57 5.63 -2.80
C CYS A 108 11.66 6.59 -3.95
N GLY A 109 11.19 6.13 -5.09
CA GLY A 109 11.26 6.93 -6.31
C GLY A 109 10.06 7.81 -6.53
N ARG A 110 10.28 8.89 -7.27
CA ARG A 110 9.18 9.77 -7.67
C ARG A 110 9.21 9.96 -9.18
N TYR A 111 8.22 10.67 -9.75
CA TYR A 111 8.14 10.96 -11.21
C TYR A 111 8.04 9.68 -12.03
N GLU A 112 8.80 9.54 -13.11
CA GLU A 112 8.77 8.27 -13.85
C GLU A 112 9.63 7.21 -13.14
N GLY A 113 10.51 7.62 -12.23
CA GLY A 113 11.31 6.65 -11.54
C GLY A 113 12.75 7.05 -11.43
N ILE A 114 13.59 6.09 -11.05
CA ILE A 114 15.02 6.32 -10.85
C ILE A 114 15.80 5.76 -12.03
N ASP A 115 16.70 6.57 -12.59
CA ASP A 115 17.68 6.11 -13.58
C ASP A 115 18.09 4.70 -13.25
N GLN A 116 17.94 3.80 -14.24
CA GLN A 116 18.16 2.36 -14.02
C GLN A 116 19.55 2.02 -13.51
N ARG A 117 20.56 2.83 -13.84
CA ARG A 117 21.92 2.53 -13.47
C ARG A 117 22.19 2.60 -11.99
N VAL A 118 21.33 3.25 -11.22
CA VAL A 118 21.48 3.25 -9.74
C VAL A 118 21.37 1.81 -9.24
N VAL A 119 20.32 1.13 -9.66
CA VAL A 119 20.18 -0.29 -9.31
C VAL A 119 21.28 -1.18 -9.90
N GLN A 120 21.69 -0.95 -11.15
CA GLN A 120 22.81 -1.74 -11.73
C GLN A 120 24.11 -1.53 -10.95
N ASP A 121 24.40 -0.28 -10.60
CA ASP A 121 25.61 0.02 -9.82
C ASP A 121 25.54 -0.53 -8.40
N ALA A 122 24.37 -0.38 -7.77
CA ALA A 122 24.21 -0.87 -6.42
C ALA A 122 24.42 -2.37 -6.38
N ALA A 123 23.99 -3.08 -7.45
CA ALA A 123 23.99 -4.54 -7.45
C ALA A 123 25.41 -5.16 -7.62
N ARG A 124 26.39 -4.30 -7.94
CA ARG A 124 27.83 -4.63 -7.87
C ARG A 124 28.26 -4.96 -6.46
N ARG A 125 27.62 -4.30 -5.49
CA ARG A 125 28.06 -4.22 -4.09
C ARG A 125 27.12 -4.99 -3.12
N MET A 126 25.81 -4.94 -3.37
CA MET A 126 24.80 -5.41 -2.40
C MET A 126 23.73 -6.15 -3.16
N ARG A 127 22.90 -6.89 -2.43
CA ARG A 127 21.73 -7.47 -3.01
C ARG A 127 20.67 -6.39 -3.21
N VAL A 128 19.90 -6.49 -4.30
CA VAL A 128 18.90 -5.51 -4.68
C VAL A 128 17.68 -6.25 -5.14
N GLU A 129 16.49 -5.76 -4.80
CA GLU A 129 15.23 -6.31 -5.29
C GLU A 129 14.29 -5.16 -5.70
N GLU A 130 13.80 -5.21 -6.92
CA GLU A 130 12.76 -4.30 -7.36
C GLU A 130 11.42 -4.95 -7.09
N VAL A 131 10.56 -4.24 -6.35
CA VAL A 131 9.34 -4.83 -5.75
C VAL A 131 8.11 -3.92 -5.99
N SER A 132 7.00 -4.54 -6.39
CA SER A 132 5.68 -3.90 -6.49
C SER A 132 4.75 -4.50 -5.45
N ILE A 133 4.05 -3.63 -4.73
CA ILE A 133 3.08 -4.07 -3.74
C ILE A 133 1.77 -4.46 -4.36
N GLY A 134 1.56 -4.10 -5.62
CA GLY A 134 0.33 -4.52 -6.34
C GLY A 134 0.19 -3.86 -7.70
N ASP A 135 -0.80 -4.30 -8.46
CA ASP A 135 -0.98 -3.88 -9.85
C ASP A 135 -1.77 -2.61 -10.02
N TYR A 136 -1.15 -1.52 -9.57
CA TYR A 136 -1.70 -0.22 -9.63
C TYR A 136 -0.54 0.76 -9.54
N VAL A 137 -0.76 2.00 -10.00
CA VAL A 137 0.32 3.00 -10.08
C VAL A 137 0.10 4.13 -9.07
N LEU A 138 1.11 4.37 -8.23
CA LEU A 138 1.08 5.42 -7.22
C LEU A 138 2.00 6.52 -7.65
N PRO A 139 1.83 7.72 -7.07
CA PRO A 139 2.66 8.83 -7.53
C PRO A 139 4.11 8.70 -7.07
N GLY A 140 4.36 7.86 -6.10
CA GLY A 140 5.66 7.74 -5.49
C GLY A 140 5.70 6.46 -4.74
N GLY A 141 6.92 6.09 -4.31
CA GLY A 141 7.18 4.81 -3.67
C GLY A 141 7.05 4.81 -2.15
N GLU A 142 6.80 5.97 -1.56
CA GLU A 142 6.75 6.11 -0.10
C GLU A 142 5.62 5.27 0.58
N SER A 143 4.40 5.34 0.04
CA SER A 143 3.31 4.59 0.59
C SER A 143 3.42 3.04 0.34
N ALA A 144 4.18 2.66 -0.69
CA ALA A 144 4.59 1.26 -0.85
C ALA A 144 5.59 0.81 0.21
N ALA A 145 6.57 1.67 0.56
CA ALA A 145 7.45 1.44 1.66
C ALA A 145 6.72 1.31 2.99
N VAL A 146 5.72 2.16 3.25
CA VAL A 146 4.93 2.05 4.48
C VAL A 146 4.29 0.67 4.60
N VAL A 147 3.65 0.23 3.51
CA VAL A 147 3.05 -1.09 3.43
C VAL A 147 4.06 -2.20 3.74
N MET A 148 5.20 -2.17 3.07
CA MET A 148 6.22 -3.19 3.27
C MET A 148 6.82 -3.22 4.66
N VAL A 149 7.16 -2.05 5.23
CA VAL A 149 7.72 -2.00 6.57
C VAL A 149 6.71 -2.47 7.61
N GLU A 150 5.46 -2.06 7.45
CA GLU A 150 4.40 -2.46 8.35
C GLU A 150 4.20 -3.96 8.34
N ALA A 151 4.26 -4.59 7.16
CA ALA A 151 4.16 -6.06 7.06
C ALA A 151 5.31 -6.74 7.78
N VAL A 152 6.49 -6.19 7.63
CA VAL A 152 7.66 -6.80 8.19
C VAL A 152 7.71 -6.62 9.72
N LEU A 153 7.44 -5.40 10.18
CA LEU A 153 7.48 -5.13 11.62
C LEU A 153 6.33 -5.78 12.40
N ARG A 154 5.22 -6.06 11.73
CA ARG A 154 4.15 -6.87 12.33
C ARG A 154 4.69 -8.25 12.73
N LEU A 155 5.43 -8.88 11.82
CA LEU A 155 6.00 -10.20 12.09
C LEU A 155 7.12 -10.12 13.13
N LEU A 156 7.86 -9.02 13.09
CA LEU A 156 8.98 -8.78 14.01
C LEU A 156 8.51 -8.49 15.45
N ALA A 157 7.30 -7.99 15.60
CA ALA A 157 6.75 -7.61 16.91
C ALA A 157 6.32 -8.79 17.81
N GLY A 158 6.05 -9.98 17.24
CA GLY A 158 5.77 -11.20 18.04
C GLY A 158 6.33 -11.23 19.47
N GLY A 177 -3.33 -20.72 3.43
CA GLY A 177 -3.57 -20.31 2.04
C GLY A 177 -4.99 -19.77 1.78
N LEU A 178 -5.93 -20.13 2.65
CA LEU A 178 -7.32 -19.72 2.45
C LEU A 178 -7.57 -18.31 2.98
N LEU A 179 -8.55 -17.62 2.41
CA LEU A 179 -8.94 -16.30 2.91
C LEU A 179 -9.59 -16.49 4.28
N GLU A 180 -9.41 -15.48 5.12
CA GLU A 180 -10.02 -15.42 6.42
C GLU A 180 -11.53 -15.36 6.29
N GLY A 181 -12.21 -16.13 7.14
CA GLY A 181 -13.68 -16.10 7.18
C GLY A 181 -14.19 -14.90 7.95
N PRO A 182 -15.51 -14.76 8.07
CA PRO A 182 -16.07 -13.64 8.83
C PRO A 182 -15.83 -13.79 10.32
N SER A 183 -15.75 -12.66 11.03
CA SER A 183 -15.72 -12.64 12.47
C SER A 183 -16.97 -11.96 13.02
N TYR A 184 -17.30 -12.28 14.26
CA TYR A 184 -18.43 -11.69 14.95
C TYR A 184 -18.07 -11.48 16.41
N THR A 185 -18.64 -10.45 17.01
CA THR A 185 -18.60 -10.31 18.47
C THR A 185 -20.00 -9.93 18.97
N ARG A 186 -20.12 -9.65 20.26
CA ARG A 186 -21.42 -9.28 20.88
C ARG A 186 -22.00 -7.99 20.25
N PRO A 187 -23.32 -7.88 20.11
CA PRO A 187 -24.31 -8.83 20.63
C PRO A 187 -24.62 -9.96 19.64
N ALA A 188 -25.39 -10.94 20.12
CA ALA A 188 -25.71 -12.16 19.35
C ALA A 188 -26.62 -11.86 18.19
N SER A 189 -27.44 -10.81 18.32
CA SER A 189 -28.35 -10.35 17.24
C SER A 189 -28.19 -8.84 17.14
N TRP A 190 -28.15 -8.30 15.91
CA TRP A 190 -27.93 -6.85 15.70
C TRP A 190 -28.53 -6.41 14.38
N ARG A 191 -29.49 -5.48 14.45
CA ARG A 191 -30.24 -5.01 13.28
C ARG A 191 -30.82 -6.16 12.46
N GLY A 192 -31.37 -7.14 13.15
CA GLY A 192 -32.06 -8.24 12.49
C GLY A 192 -31.13 -9.31 11.94
N LEU A 193 -29.83 -9.20 12.27
CA LEU A 193 -28.80 -10.08 11.74
C LEU A 193 -28.20 -10.82 12.90
N ASP A 194 -28.32 -12.15 12.85
CA ASP A 194 -27.87 -13.05 13.90
C ASP A 194 -26.46 -13.58 13.64
N VAL A 195 -25.65 -13.69 14.70
CA VAL A 195 -24.41 -14.44 14.66
C VAL A 195 -24.79 -15.89 14.32
N PRO A 196 -24.21 -16.45 13.23
CA PRO A 196 -24.46 -17.83 12.81
C PRO A 196 -24.44 -18.80 14.01
N GLU A 197 -25.55 -19.49 14.23
CA GLU A 197 -25.74 -20.30 15.44
C GLU A 197 -24.53 -21.18 15.80
N VAL A 198 -23.81 -21.72 14.80
CA VAL A 198 -22.65 -22.59 15.07
C VAL A 198 -21.59 -21.91 15.94
N LEU A 199 -21.43 -20.60 15.77
CA LEU A 199 -20.41 -19.86 16.52
C LEU A 199 -20.82 -19.66 18.00
N LEU A 200 -22.12 -19.71 18.26
CA LEU A 200 -22.66 -19.70 19.61
C LEU A 200 -22.75 -21.07 20.29
N SER A 201 -22.40 -22.14 19.58
CA SER A 201 -22.74 -23.50 19.99
C SER A 201 -21.73 -24.09 20.97
N GLY A 202 -20.50 -23.58 20.96
CA GLY A 202 -19.42 -24.10 21.79
C GLY A 202 -18.85 -25.44 21.30
N ASP A 203 -19.38 -25.91 20.18
CA ASP A 203 -18.99 -27.18 19.60
C ASP A 203 -17.79 -26.93 18.67
N HIS A 204 -16.59 -27.20 19.15
CA HIS A 204 -15.39 -26.82 18.41
C HIS A 204 -15.23 -27.61 17.12
N ALA A 205 -15.73 -28.84 17.10
CA ALA A 205 -15.78 -29.64 15.90
C ALA A 205 -16.59 -28.93 14.82
N ARG A 206 -17.84 -28.60 15.14
CA ARG A 206 -18.74 -27.96 14.19
C ARG A 206 -18.22 -26.57 13.80
N ILE A 207 -17.59 -25.87 14.74
CA ILE A 207 -17.12 -24.52 14.48
C ILE A 207 -15.98 -24.54 13.49
N ALA A 208 -15.00 -25.42 13.70
CA ALA A 208 -13.84 -25.46 12.83
C ALA A 208 -14.21 -25.98 11.45
N ALA A 209 -15.18 -26.88 11.36
CA ALA A 209 -15.65 -27.32 10.04
C ALA A 209 -16.38 -26.16 9.32
N TRP A 210 -17.22 -25.44 10.06
CA TRP A 210 -17.92 -24.28 9.46
C TRP A 210 -16.96 -23.24 8.95
N ARG A 211 -15.92 -22.93 9.73
CA ARG A 211 -14.92 -21.95 9.33
C ARG A 211 -14.20 -22.39 8.10
N ARG A 212 -13.92 -23.68 7.97
CA ARG A 212 -13.26 -24.19 6.79
C ARG A 212 -14.16 -24.04 5.58
N GLU A 213 -15.41 -24.45 5.70
CA GLU A 213 -16.42 -24.30 4.69
C GLU A 213 -16.46 -22.83 4.15
N VAL A 214 -16.57 -21.86 5.04
CA VAL A 214 -16.74 -20.48 4.61
C VAL A 214 -15.46 -19.87 4.05
N SER A 215 -14.31 -20.19 4.62
CA SER A 215 -13.05 -19.73 4.07
C SER A 215 -12.91 -20.21 2.65
N LEU A 216 -13.10 -21.50 2.44
CA LEU A 216 -13.02 -22.05 1.12
C LEU A 216 -14.00 -21.40 0.16
N GLN A 217 -15.25 -21.17 0.58
CA GLN A 217 -16.21 -20.54 -0.32
C GLN A 217 -15.80 -19.11 -0.70
N ARG A 218 -15.38 -18.31 0.26
CA ARG A 218 -14.80 -16.99 0.01
C ARG A 218 -13.61 -16.99 -0.93
N THR A 219 -12.73 -17.98 -0.76
CA THR A 219 -11.51 -18.04 -1.53
C THR A 219 -11.84 -18.34 -2.99
N ARG A 220 -12.77 -19.24 -3.22
CA ARG A 220 -13.26 -19.53 -4.57
C ARG A 220 -13.92 -18.32 -5.24
N GLU A 221 -14.72 -17.58 -4.45
CA GLU A 221 -15.56 -16.56 -5.01
C GLU A 221 -14.73 -15.34 -5.39
N ARG A 222 -13.76 -15.00 -4.54
CA ARG A 222 -12.99 -13.78 -4.73
C ARG A 222 -11.57 -13.99 -5.30
N ARG A 223 -10.95 -15.12 -4.92
CA ARG A 223 -9.50 -15.35 -5.17
C ARG A 223 -9.25 -16.76 -5.70
N PRO A 224 -9.85 -17.11 -6.86
CA PRO A 224 -9.60 -18.46 -7.39
C PRO A 224 -8.13 -18.66 -7.84
N ASP A 225 -7.36 -17.58 -8.02
CA ASP A 225 -5.92 -17.74 -8.15
C ASP A 225 -5.26 -18.39 -6.92
N LEU A 226 -5.85 -18.22 -5.73
CA LEU A 226 -5.57 -19.06 -4.56
C LEU A 226 -6.53 -20.24 -4.66
N MET B 1 -15.05 15.08 -5.80
CA MET B 1 -15.19 13.84 -4.98
C MET B 1 -15.13 14.16 -3.48
N ARG B 2 -15.91 13.43 -2.71
CA ARG B 2 -15.84 13.47 -1.27
C ARG B 2 -15.34 12.11 -0.72
N ILE B 3 -14.39 12.17 0.21
CA ILE B 3 -13.84 10.96 0.82
C ILE B 3 -13.87 11.05 2.34
N ASP B 4 -14.36 10.01 2.99
CA ASP B 4 -14.26 9.87 4.45
C ASP B 4 -13.47 8.63 4.74
N ILE B 5 -12.58 8.70 5.72
CA ILE B 5 -11.90 7.53 6.23
C ILE B 5 -12.15 7.44 7.74
N VAL B 6 -12.64 6.29 8.18
CA VAL B 6 -12.95 6.08 9.59
C VAL B 6 -11.95 5.11 10.21
N THR B 7 -11.38 5.44 11.34
CA THR B 7 -10.21 4.74 11.87
C THR B 7 -10.00 5.10 13.34
N ILE B 8 -9.30 4.25 14.09
CA ILE B 8 -8.89 4.58 15.44
C ILE B 8 -7.46 5.13 15.47
N PHE B 9 -6.84 5.29 14.29
CA PHE B 9 -5.53 5.95 14.20
C PHE B 9 -5.54 6.97 13.05
N PRO B 10 -6.22 8.12 13.24
CA PRO B 10 -6.36 9.16 12.21
C PRO B 10 -5.02 9.64 11.67
N ALA B 11 -4.00 9.71 12.53
CA ALA B 11 -2.64 10.14 12.14
C ALA B 11 -2.01 9.29 11.03
N CYS B 12 -2.38 8.01 10.94
CA CYS B 12 -1.86 7.14 9.89
C CYS B 12 -2.28 7.60 8.51
N LEU B 13 -3.27 8.51 8.44
CA LEU B 13 -3.76 9.03 7.18
C LEU B 13 -3.10 10.36 6.80
N ASP B 14 -2.19 10.86 7.64
CA ASP B 14 -1.51 12.14 7.38
C ASP B 14 -0.75 12.29 6.05
N PRO B 15 -0.26 11.17 5.44
CA PRO B 15 0.37 11.34 4.12
C PRO B 15 -0.60 11.83 3.03
N LEU B 16 -1.90 11.61 3.24
CA LEU B 16 -2.89 12.06 2.30
C LEU B 16 -3.04 13.60 2.27
N ARG B 17 -2.50 14.31 3.24
CA ARG B 17 -2.46 15.75 3.20
C ARG B 17 -1.14 16.25 2.57
N GLN B 18 -0.39 15.36 1.93
CA GLN B 18 0.91 15.71 1.39
C GLN B 18 1.02 15.51 -0.08
N SER B 19 2.02 16.17 -0.68
CA SER B 19 2.33 16.10 -2.12
C SER B 19 1.12 15.99 -3.04
N LEU B 20 1.02 14.94 -3.87
CA LEU B 20 -0.04 14.91 -4.88
C LEU B 20 -1.48 14.88 -4.36
N PRO B 21 -1.82 13.98 -3.42
CA PRO B 21 -3.20 14.07 -2.96
C PRO B 21 -3.44 15.37 -2.15
N GLY B 22 -2.46 15.84 -1.39
CA GLY B 22 -2.55 17.14 -0.71
C GLY B 22 -2.94 18.30 -1.65
N LYS B 23 -2.41 18.29 -2.86
CA LYS B 23 -2.69 19.32 -3.87
C LYS B 23 -4.11 19.16 -4.40
N ALA B 24 -4.52 17.93 -4.65
CA ALA B 24 -5.87 17.64 -5.09
C ALA B 24 -6.91 18.12 -4.07
N ILE B 25 -6.58 18.02 -2.79
CA ILE B 25 -7.51 18.40 -1.74
C ILE B 25 -7.57 19.93 -1.60
N GLU B 26 -6.42 20.58 -1.56
CA GLU B 26 -6.33 22.06 -1.46
C GLU B 26 -7.07 22.76 -2.59
N SER B 27 -7.03 22.15 -3.77
CA SER B 27 -7.61 22.71 -4.99
C SER B 27 -9.10 22.55 -5.09
N GLY B 28 -9.70 21.86 -4.13
CA GLY B 28 -11.13 21.59 -4.13
C GLY B 28 -11.56 20.53 -5.12
N LEU B 29 -10.61 19.76 -5.68
CA LEU B 29 -10.95 18.57 -6.46
C LEU B 29 -11.56 17.49 -5.58
N VAL B 30 -11.10 17.41 -4.34
CA VAL B 30 -11.54 16.39 -3.39
C VAL B 30 -11.69 16.98 -1.99
N ASP B 31 -12.81 16.69 -1.31
CA ASP B 31 -12.94 16.91 0.15
C ASP B 31 -12.51 15.64 0.87
N LEU B 32 -11.55 15.71 1.79
CA LEU B 32 -11.19 14.54 2.61
C LEU B 32 -11.44 14.78 4.11
N ASN B 33 -12.22 13.89 4.70
CA ASN B 33 -12.45 13.94 6.12
C ASN B 33 -11.97 12.66 6.79
N VAL B 34 -11.11 12.77 7.78
CA VAL B 34 -10.65 11.59 8.51
C VAL B 34 -11.30 11.59 9.89
N HIS B 35 -11.95 10.50 10.27
CA HIS B 35 -12.73 10.49 11.52
C HIS B 35 -12.20 9.45 12.49
N ASP B 36 -12.14 9.80 13.78
CA ASP B 36 -11.72 8.84 14.82
C ASP B 36 -12.93 8.02 15.23
N LEU B 37 -12.92 6.70 14.93
CA LEU B 37 -14.08 5.84 15.22
C LEU B 37 -14.57 5.99 16.69
N ARG B 38 -13.63 6.20 17.61
CA ARG B 38 -13.96 6.32 19.03
C ARG B 38 -15.03 7.42 19.33
N ARG B 39 -15.19 8.39 18.45
CA ARG B 39 -16.20 9.41 18.65
C ARG B 39 -17.67 8.90 18.60
N TRP B 40 -17.88 7.67 18.11
CA TRP B 40 -19.19 7.04 18.14
C TRP B 40 -19.35 5.98 19.26
N THR B 41 -18.43 6.01 20.24
CA THR B 41 -18.56 5.19 21.45
C THR B 41 -19.13 6.02 22.60
N HIS B 42 -19.79 5.33 23.51
CA HIS B 42 -20.55 5.96 24.57
C HIS B 42 -20.16 5.48 25.98
N ASP B 43 -19.27 4.49 26.08
CA ASP B 43 -18.77 4.00 27.37
C ASP B 43 -17.49 4.70 27.75
N VAL B 44 -17.06 4.49 29.00
CA VAL B 44 -15.94 5.22 29.62
C VAL B 44 -14.59 4.91 28.96
N HIS B 45 -14.42 3.67 28.53
CA HIS B 45 -13.17 3.23 27.92
C HIS B 45 -13.14 3.51 26.40
N HIS B 46 -14.26 3.97 25.85
CA HIS B 46 -14.42 4.15 24.41
C HIS B 46 -14.06 2.89 23.63
N SER B 47 -14.55 1.74 24.06
CA SER B 47 -14.08 0.47 23.52
C SER B 47 -14.73 0.17 22.16
N VAL B 48 -13.90 -0.29 21.23
CA VAL B 48 -14.36 -0.57 19.88
C VAL B 48 -14.26 -2.06 19.54
N ASP B 49 -13.85 -2.88 20.50
CA ASP B 49 -13.54 -4.26 20.17
C ASP B 49 -13.92 -5.21 21.30
N ASP B 50 -14.18 -6.47 20.96
CA ASP B 50 -14.63 -7.46 21.93
C ASP B 50 -14.31 -8.87 21.39
N ALA B 51 -14.38 -9.89 22.25
CA ALA B 51 -13.90 -11.22 21.92
C ALA B 51 -14.80 -11.86 20.90
N PRO B 52 -14.22 -12.67 19.99
CA PRO B 52 -14.96 -13.28 18.90
C PRO B 52 -15.84 -14.43 19.37
N TYR B 53 -17.07 -14.48 18.87
CA TYR B 53 -17.88 -15.67 19.02
C TYR B 53 -17.21 -16.85 18.36
N GLY B 54 -17.22 -17.99 19.06
CA GLY B 54 -16.73 -19.23 18.54
C GLY B 54 -15.25 -19.38 18.79
N GLY B 55 -14.67 -18.46 19.55
CA GLY B 55 -13.27 -18.52 19.90
C GLY B 55 -12.35 -18.00 18.80
N GLY B 56 -11.06 -17.98 19.10
CA GLY B 56 -10.06 -17.62 18.12
C GLY B 56 -9.09 -16.64 18.69
N PRO B 57 -8.15 -16.16 17.87
CA PRO B 57 -7.12 -15.24 18.31
C PRO B 57 -7.62 -13.81 18.19
N GLY B 58 -7.29 -12.97 19.17
CA GLY B 58 -7.46 -11.53 19.02
C GLY B 58 -8.86 -11.02 19.33
N MET B 59 -9.13 -9.81 18.89
CA MET B 59 -10.39 -9.15 19.15
C MET B 59 -11.05 -8.77 17.85
N VAL B 60 -12.36 -8.56 17.90
CA VAL B 60 -13.13 -8.14 16.75
C VAL B 60 -13.72 -6.76 17.03
N MET B 61 -13.78 -5.91 16.01
CA MET B 61 -14.40 -4.60 16.14
C MET B 61 -15.92 -4.69 16.17
N LYS B 62 -16.51 -4.03 17.16
CA LYS B 62 -17.95 -4.17 17.47
C LYS B 62 -18.77 -3.54 16.40
N ALA B 63 -19.88 -4.18 16.08
CA ALA B 63 -20.73 -3.69 15.03
C ALA B 63 -21.50 -2.38 15.40
N PRO B 64 -22.03 -2.26 16.66
CA PRO B 64 -22.82 -1.07 16.98
C PRO B 64 -22.09 0.25 16.80
N VAL B 65 -20.82 0.29 17.18
CA VAL B 65 -19.97 1.46 17.01
C VAL B 65 -19.78 1.82 15.52
N TRP B 66 -19.46 0.82 14.71
CA TRP B 66 -19.27 1.01 13.26
C TRP B 66 -20.60 1.38 12.61
N GLY B 67 -21.66 0.68 13.01
CA GLY B 67 -23.02 0.94 12.52
C GLY B 67 -23.46 2.39 12.67
N GLU B 68 -23.21 3.00 13.84
CA GLU B 68 -23.49 4.40 14.09
C GLU B 68 -22.67 5.34 13.25
N ALA B 69 -21.38 5.07 13.14
CA ALA B 69 -20.49 5.90 12.34
C ALA B 69 -20.96 5.96 10.89
N LEU B 70 -21.14 4.79 10.30
CA LEU B 70 -21.61 4.70 8.93
C LEU B 70 -23.04 5.21 8.72
N ASP B 71 -23.98 4.95 9.66
CA ASP B 71 -25.30 5.66 9.67
C ASP B 71 -25.09 7.16 9.42
N GLU B 72 -24.18 7.79 10.16
CA GLU B 72 -24.04 9.26 10.05
C GLU B 72 -23.30 9.68 8.77
N ILE B 73 -22.29 8.90 8.35
CA ILE B 73 -21.38 9.37 7.30
C ILE B 73 -21.90 9.02 5.90
N CYS B 74 -22.56 7.86 5.76
CA CYS B 74 -22.92 7.31 4.46
C CYS B 74 -24.34 7.68 4.04
N SER B 75 -24.55 7.78 2.73
CA SER B 75 -25.86 7.78 2.10
C SER B 75 -25.96 6.56 1.21
N SER B 76 -27.06 6.50 0.47
CA SER B 76 -27.33 5.41 -0.43
C SER B 76 -26.52 5.52 -1.72
N GLU B 77 -25.88 6.66 -1.95
CA GLU B 77 -25.01 6.80 -3.11
C GLU B 77 -23.52 6.53 -2.76
N THR B 78 -23.25 6.29 -1.48
CA THR B 78 -21.91 6.08 -1.04
C THR B 78 -21.38 4.72 -1.53
N LEU B 79 -20.10 4.71 -1.87
CA LEU B 79 -19.40 3.44 -2.02
C LEU B 79 -18.63 3.19 -0.79
N LEU B 80 -18.95 2.12 -0.10
CA LEU B 80 -18.26 1.77 1.13
C LEU B 80 -17.17 0.76 0.81
N ILE B 81 -15.94 1.07 1.18
N ILE B 81 -15.95 1.05 1.22
CA ILE B 81 -14.78 0.19 0.97
CA ILE B 81 -14.80 0.20 0.96
C ILE B 81 -14.17 -0.26 2.30
C ILE B 81 -14.17 -0.25 2.26
N VAL B 82 -14.00 -1.55 2.43
CA VAL B 82 -13.45 -2.12 3.63
C VAL B 82 -12.16 -2.82 3.25
N PRO B 83 -11.02 -2.23 3.62
CA PRO B 83 -9.77 -2.90 3.33
C PRO B 83 -9.66 -4.16 4.16
N THR B 84 -9.46 -5.28 3.50
CA THR B 84 -9.30 -6.52 4.23
C THR B 84 -8.61 -7.53 3.35
N PRO B 85 -7.75 -8.41 3.97
CA PRO B 85 -7.12 -9.62 3.42
C PRO B 85 -8.07 -10.49 2.70
N ALA B 86 -9.31 -10.50 3.18
CA ALA B 86 -10.33 -11.34 2.60
C ALA B 86 -11.04 -10.66 1.41
N GLY B 87 -10.53 -9.55 0.92
CA GLY B 87 -11.17 -8.83 -0.19
C GLY B 87 -10.66 -9.26 -1.55
N VAL B 88 -11.39 -8.90 -2.62
CA VAL B 88 -10.86 -9.02 -3.99
C VAL B 88 -9.68 -8.04 -4.19
N LEU B 89 -8.77 -8.34 -5.11
CA LEU B 89 -7.59 -7.49 -5.26
C LEU B 89 -7.90 -6.12 -5.86
N PHE B 90 -7.31 -5.10 -5.24
CA PHE B 90 -7.34 -3.74 -5.80
C PHE B 90 -6.38 -3.68 -7.00
N THR B 91 -6.81 -3.10 -8.11
CA THR B 91 -5.95 -2.93 -9.31
C THR B 91 -6.15 -1.52 -9.92
N GLN B 92 -5.33 -1.18 -10.92
CA GLN B 92 -5.46 0.09 -11.61
C GLN B 92 -6.88 0.30 -12.14
N ALA B 93 -7.51 -0.76 -12.61
CA ALA B 93 -8.83 -0.65 -13.18
C ALA B 93 -9.87 -0.33 -12.10
N THR B 94 -9.73 -0.89 -10.91
CA THR B 94 -10.52 -0.46 -9.75
C THR B 94 -10.32 1.04 -9.47
N ALA B 95 -9.06 1.46 -9.41
CA ALA B 95 -8.75 2.89 -9.18
C ALA B 95 -9.39 3.78 -10.25
N GLN B 96 -9.33 3.38 -11.51
CA GLN B 96 -9.88 4.20 -12.59
C GLN B 96 -11.40 4.28 -12.41
N ARG B 97 -12.04 3.14 -12.19
CA ARG B 97 -13.47 3.11 -11.96
C ARG B 97 -13.91 4.01 -10.75
N TRP B 98 -13.09 4.12 -9.71
CA TRP B 98 -13.48 4.84 -8.50
C TRP B 98 -13.38 6.35 -8.63
N THR B 99 -12.76 6.84 -9.71
CA THR B 99 -12.74 8.26 -10.05
C THR B 99 -14.11 8.73 -10.49
N THR B 100 -14.98 7.80 -10.85
CA THR B 100 -16.35 8.14 -11.26
C THR B 100 -17.28 8.24 -10.05
N GLU B 101 -16.78 7.88 -8.87
CA GLU B 101 -17.63 7.86 -7.66
C GLU B 101 -17.64 9.23 -7.02
N SER B 102 -18.78 9.59 -6.45
CA SER B 102 -18.89 10.89 -5.79
C SER B 102 -18.52 10.81 -4.33
N HIS B 103 -18.80 9.68 -3.70
CA HIS B 103 -18.51 9.52 -2.29
C HIS B 103 -17.91 8.15 -1.96
N LEU B 104 -16.64 8.18 -1.57
CA LEU B 104 -15.92 6.99 -1.11
C LEU B 104 -15.79 7.04 0.38
N VAL B 105 -16.15 5.97 1.05
CA VAL B 105 -15.94 5.86 2.48
C VAL B 105 -15.09 4.67 2.74
N PHE B 106 -13.99 4.89 3.45
CA PHE B 106 -13.07 3.83 3.85
C PHE B 106 -13.23 3.48 5.32
N ALA B 107 -13.62 2.22 5.57
CA ALA B 107 -13.76 1.74 6.94
C ALA B 107 -12.57 0.87 7.29
N CYS B 108 -11.62 1.46 7.98
CA CYS B 108 -10.35 0.84 8.30
C CYS B 108 -10.42 0.05 9.57
N GLY B 109 -10.32 -1.27 9.41
CA GLY B 109 -10.24 -2.19 10.52
C GLY B 109 -8.92 -2.24 11.22
N ARG B 110 -8.98 -2.71 12.46
CA ARG B 110 -7.81 -3.13 13.21
C ARG B 110 -8.11 -4.52 13.79
N TYR B 111 -7.13 -5.14 14.47
CA TYR B 111 -7.28 -6.47 15.10
C TYR B 111 -7.65 -7.56 14.07
N GLU B 112 -8.63 -8.40 14.36
CA GLU B 112 -9.04 -9.39 13.38
C GLU B 112 -10.05 -8.85 12.37
N GLY B 113 -10.30 -7.56 12.39
CA GLY B 113 -11.27 -6.96 11.48
C GLY B 113 -12.56 -6.62 12.19
N ILE B 114 -13.59 -6.47 11.38
CA ILE B 114 -14.81 -5.78 11.77
C ILE B 114 -15.91 -6.81 11.68
N ASP B 115 -16.69 -6.95 12.76
CA ASP B 115 -17.87 -7.81 12.76
C ASP B 115 -18.51 -7.79 11.40
N GLN B 116 -18.70 -8.97 10.79
CA GLN B 116 -19.18 -9.08 9.42
C GLN B 116 -20.52 -8.41 9.20
N ARG B 117 -21.36 -8.37 10.25
CA ARG B 117 -22.71 -7.80 10.11
C ARG B 117 -22.74 -6.30 9.72
N VAL B 118 -21.67 -5.58 9.99
CA VAL B 118 -21.56 -4.17 9.57
C VAL B 118 -21.69 -4.09 8.04
N VAL B 119 -20.88 -4.88 7.33
CA VAL B 119 -20.97 -4.93 5.89
C VAL B 119 -22.30 -5.47 5.40
N GLN B 120 -22.83 -6.53 6.02
CA GLN B 120 -24.20 -7.04 5.59
C GLN B 120 -25.26 -5.95 5.74
N ASP B 121 -25.25 -5.26 6.88
CA ASP B 121 -26.23 -4.21 7.13
C ASP B 121 -26.03 -3.00 6.20
N ALA B 122 -24.78 -2.59 6.02
CA ALA B 122 -24.46 -1.48 5.13
C ALA B 122 -24.94 -1.75 3.72
N ALA B 123 -24.91 -3.03 3.32
CA ALA B 123 -25.19 -3.40 1.94
C ALA B 123 -26.69 -3.38 1.60
N ARG B 124 -27.52 -3.27 2.64
CA ARG B 124 -28.97 -2.98 2.48
C ARG B 124 -29.19 -1.60 1.89
N ARG B 125 -28.29 -0.66 2.21
CA ARG B 125 -28.45 0.78 1.89
C ARG B 125 -27.58 1.22 0.70
N MET B 126 -26.29 0.90 0.79
CA MET B 126 -25.29 1.40 -0.17
C MET B 126 -24.53 0.22 -0.83
N ARG B 127 -23.86 0.49 -1.93
CA ARG B 127 -22.90 -0.48 -2.51
C ARG B 127 -21.66 -0.63 -1.61
N VAL B 128 -21.21 -1.87 -1.41
CA VAL B 128 -20.05 -2.15 -0.55
C VAL B 128 -19.06 -3.03 -1.31
N GLU B 129 -17.75 -2.78 -1.15
CA GLU B 129 -16.72 -3.60 -1.75
C GLU B 129 -15.65 -3.94 -0.69
N GLU B 130 -15.42 -5.21 -0.47
CA GLU B 130 -14.29 -5.62 0.36
C GLU B 130 -13.08 -5.81 -0.51
N VAL B 131 -11.99 -5.14 -0.17
CA VAL B 131 -10.84 -4.97 -1.10
C VAL B 131 -9.52 -5.20 -0.36
N SER B 132 -8.63 -5.98 -1.00
CA SER B 132 -7.24 -6.14 -0.54
C SER B 132 -6.27 -5.54 -1.54
N ILE B 133 -5.29 -4.80 -1.05
CA ILE B 133 -4.29 -4.20 -1.95
C ILE B 133 -3.21 -5.21 -2.36
N GLY B 134 -3.14 -6.33 -1.65
CA GLY B 134 -2.21 -7.39 -2.01
C GLY B 134 -2.17 -8.54 -1.02
N ASP B 135 -1.41 -9.58 -1.39
CA ASP B 135 -1.40 -10.83 -0.62
C ASP B 135 -0.39 -10.83 0.48
N TYR B 136 -0.67 -10.01 1.48
CA TYR B 136 0.16 -9.82 2.65
C TYR B 136 -0.73 -9.24 3.75
N VAL B 137 -0.30 -9.36 5.02
CA VAL B 137 -1.15 -8.98 6.17
C VAL B 137 -0.59 -7.77 6.89
N LEU B 138 -1.41 -6.73 7.03
CA LEU B 138 -1.02 -5.50 7.69
C LEU B 138 -1.69 -5.38 9.05
N PRO B 139 -1.15 -4.53 9.94
CA PRO B 139 -1.74 -4.50 11.27
C PRO B 139 -3.09 -3.78 11.29
N GLY B 140 -3.35 -2.96 10.28
CA GLY B 140 -4.65 -2.38 10.11
C GLY B 140 -4.84 -2.02 8.67
N GLY B 141 -6.03 -1.52 8.34
CA GLY B 141 -6.41 -1.14 7.00
C GLY B 141 -6.06 0.29 6.58
N GLU B 142 -5.37 1.05 7.44
CA GLU B 142 -5.12 2.47 7.20
C GLU B 142 -4.15 2.71 6.04
N SER B 143 -2.98 2.11 6.11
CA SER B 143 -1.95 2.27 5.05
C SER B 143 -2.42 1.63 3.70
N ALA B 144 -3.37 0.70 3.78
CA ALA B 144 -4.06 0.24 2.58
C ALA B 144 -5.02 1.30 1.96
N ALA B 145 -5.77 2.01 2.82
CA ALA B 145 -6.53 3.22 2.40
C ALA B 145 -5.66 4.31 1.79
N VAL B 146 -4.47 4.54 2.33
CA VAL B 146 -3.52 5.52 1.78
C VAL B 146 -3.13 5.14 0.36
N VAL B 147 -2.76 3.86 0.17
CA VAL B 147 -2.48 3.30 -1.17
C VAL B 147 -3.64 3.51 -2.14
N MET B 148 -4.83 3.11 -1.73
CA MET B 148 -6.00 3.19 -2.62
C MET B 148 -6.42 4.65 -2.95
N VAL B 149 -6.33 5.56 -1.98
CA VAL B 149 -6.66 6.97 -2.22
C VAL B 149 -5.65 7.62 -3.11
N GLU B 150 -4.37 7.37 -2.86
CA GLU B 150 -3.30 7.88 -3.70
C GLU B 150 -3.47 7.39 -5.14
N ALA B 151 -3.87 6.14 -5.36
CA ALA B 151 -4.12 5.64 -6.72
C ALA B 151 -5.24 6.35 -7.39
N VAL B 152 -6.31 6.59 -6.63
CA VAL B 152 -7.47 7.28 -7.17
C VAL B 152 -7.19 8.76 -7.47
N LEU B 153 -6.55 9.44 -6.52
CA LEU B 153 -6.32 10.87 -6.66
C LEU B 153 -5.24 11.20 -7.68
N ARG B 154 -4.34 10.27 -7.94
CA ARG B 154 -3.36 10.41 -9.03
C ARG B 154 -4.11 10.58 -10.34
N LEU B 155 -5.09 9.72 -10.57
CA LEU B 155 -5.87 9.76 -11.79
C LEU B 155 -6.75 10.99 -11.85
N LEU B 156 -7.30 11.34 -10.69
CA LEU B 156 -8.20 12.47 -10.55
C LEU B 156 -7.49 13.80 -10.83
N ALA B 157 -6.24 13.90 -10.37
CA ALA B 157 -5.44 15.09 -10.54
C ALA B 157 -5.06 15.36 -11.99
N GLY B 158 -5.03 14.31 -12.80
CA GLY B 158 -4.75 14.44 -14.22
C GLY B 158 -3.30 14.05 -14.49
N VAL B 159 -3.11 13.08 -15.38
CA VAL B 159 -1.77 12.56 -15.68
C VAL B 159 -1.44 12.93 -17.11
N LEU B 160 -0.15 12.95 -17.44
CA LEU B 160 0.28 13.34 -18.78
C LEU B 160 -0.05 12.21 -19.79
N GLY B 161 -0.39 12.59 -21.01
CA GLY B 161 -0.39 11.63 -22.12
C GLY B 161 1.02 11.19 -22.42
N ASN B 162 1.18 9.93 -22.81
CA ASN B 162 2.50 9.43 -23.12
C ASN B 162 2.83 9.58 -24.62
N GLY B 177 -0.65 -4.06 -21.04
CA GLY B 177 -0.46 -4.62 -19.70
C GLY B 177 0.97 -4.93 -19.32
N LEU B 178 1.92 -4.39 -20.09
CA LEU B 178 3.34 -4.71 -19.93
C LEU B 178 3.97 -3.87 -18.81
N LEU B 179 4.99 -4.42 -18.16
CA LEU B 179 5.76 -3.67 -17.16
C LEU B 179 6.51 -2.56 -17.84
N GLU B 180 6.66 -1.46 -17.12
CA GLU B 180 7.41 -0.33 -17.60
C GLU B 180 8.89 -0.71 -17.73
N GLY B 181 9.52 -0.24 -18.79
CA GLY B 181 10.94 -0.47 -19.02
C GLY B 181 11.79 0.47 -18.22
N PRO B 182 13.13 0.32 -18.33
CA PRO B 182 14.02 1.19 -17.57
C PRO B 182 14.03 2.60 -18.11
N SER B 183 14.38 3.55 -17.25
CA SER B 183 14.50 4.96 -17.62
C SER B 183 15.91 5.41 -17.35
N TYR B 184 16.32 6.46 -18.04
CA TYR B 184 17.66 7.01 -17.94
C TYR B 184 17.59 8.50 -18.15
N THR B 185 18.47 9.24 -17.48
CA THR B 185 18.70 10.63 -17.82
C THR B 185 20.20 10.91 -17.71
N ARG B 186 20.60 12.17 -17.76
CA ARG B 186 22.01 12.56 -17.70
C ARG B 186 22.71 12.07 -16.43
N PRO B 187 24.02 11.80 -16.48
CA PRO B 187 24.85 11.85 -17.69
C PRO B 187 24.74 10.59 -18.57
N ALA B 188 25.34 10.66 -19.78
CA ALA B 188 25.23 9.56 -20.76
C ALA B 188 26.02 8.34 -20.32
N SER B 189 27.07 8.56 -19.54
CA SER B 189 27.88 7.47 -18.95
C SER B 189 28.07 7.81 -17.48
N TRP B 190 27.91 6.81 -16.60
CA TRP B 190 28.01 7.03 -15.15
C TRP B 190 28.53 5.78 -14.46
N ARG B 191 29.69 5.92 -13.78
CA ARG B 191 30.38 4.79 -13.16
C ARG B 191 30.56 3.59 -14.11
N GLY B 192 30.92 3.88 -15.36
CA GLY B 192 31.17 2.84 -16.37
C GLY B 192 29.93 2.17 -16.91
N LEU B 193 28.78 2.80 -16.67
CA LEU B 193 27.48 2.32 -17.11
C LEU B 193 26.91 3.32 -18.08
N ASP B 194 26.64 2.85 -19.30
CA ASP B 194 26.23 3.70 -20.41
C ASP B 194 24.72 3.67 -20.65
N VAL B 195 24.17 4.81 -21.00
CA VAL B 195 22.80 4.85 -21.51
C VAL B 195 22.79 4.09 -22.84
N PRO B 196 21.91 3.10 -22.97
CA PRO B 196 21.75 2.34 -24.21
C PRO B 196 21.74 3.25 -25.45
N GLU B 197 22.67 3.02 -26.39
CA GLU B 197 22.87 3.97 -27.50
C GLU B 197 21.59 4.33 -28.24
N VAL B 198 20.64 3.40 -28.37
CA VAL B 198 19.34 3.70 -29.03
C VAL B 198 18.63 4.93 -28.44
N LEU B 199 18.75 5.13 -27.14
CA LEU B 199 18.07 6.26 -26.49
C LEU B 199 18.72 7.61 -26.86
N LEU B 200 20.02 7.56 -27.17
CA LEU B 200 20.76 8.71 -27.67
C LEU B 200 20.67 8.94 -29.21
N SER B 201 19.93 8.09 -29.92
CA SER B 201 20.03 8.04 -31.37
C SER B 201 19.13 9.05 -32.07
N GLY B 202 18.07 9.50 -31.37
CA GLY B 202 17.12 10.43 -31.94
C GLY B 202 16.12 9.76 -32.87
N ASP B 203 16.26 8.46 -33.06
CA ASP B 203 15.39 7.73 -33.95
C ASP B 203 14.20 7.21 -33.16
N HIS B 204 13.07 7.89 -33.30
CA HIS B 204 11.89 7.60 -32.51
C HIS B 204 11.34 6.19 -32.79
N ALA B 205 11.47 5.73 -34.02
CA ALA B 205 11.02 4.39 -34.39
C ALA B 205 11.87 3.33 -33.67
N ARG B 206 13.20 3.46 -33.74
CA ARG B 206 14.12 2.49 -33.09
C ARG B 206 13.88 2.53 -31.57
N ILE B 207 13.62 3.73 -31.04
CA ILE B 207 13.48 3.89 -29.59
C ILE B 207 12.23 3.19 -29.11
N ALA B 208 11.11 3.42 -29.80
CA ALA B 208 9.84 2.82 -29.44
C ALA B 208 9.87 1.30 -29.51
N ALA B 209 10.55 0.76 -30.51
CA ALA B 209 10.64 -0.69 -30.61
C ALA B 209 11.55 -1.23 -29.51
N TRP B 210 12.64 -0.55 -29.20
CA TRP B 210 13.52 -0.96 -28.10
C TRP B 210 12.78 -1.01 -26.77
N ARG B 211 11.99 0.04 -26.49
CA ARG B 211 11.22 0.10 -25.25
C ARG B 211 10.21 -1.02 -25.19
N ARG B 212 9.61 -1.36 -26.31
CA ARG B 212 8.64 -2.44 -26.35
C ARG B 212 9.32 -3.76 -26.07
N GLU B 213 10.45 -4.00 -26.72
CA GLU B 213 11.25 -5.19 -26.50
C GLU B 213 11.59 -5.38 -25.02
N VAL B 214 12.18 -4.36 -24.39
CA VAL B 214 12.57 -4.46 -22.98
C VAL B 214 11.37 -4.65 -22.03
N SER B 215 10.27 -3.96 -22.28
CA SER B 215 9.06 -4.16 -21.48
C SER B 215 8.60 -5.58 -21.54
N LEU B 216 8.49 -6.11 -22.75
CA LEU B 216 8.13 -7.50 -22.96
C LEU B 216 9.02 -8.45 -22.17
N GLN B 217 10.34 -8.24 -22.27
CA GLN B 217 11.31 -9.14 -21.64
C GLN B 217 11.15 -9.10 -20.10
N ARG B 218 11.07 -7.89 -19.55
CA ARG B 218 10.78 -7.71 -18.12
C ARG B 218 9.54 -8.38 -17.64
N THR B 219 8.48 -8.30 -18.44
CA THR B 219 7.19 -8.80 -18.03
C THR B 219 7.23 -10.31 -17.94
N ARG B 220 7.88 -10.95 -18.91
CA ARG B 220 8.11 -12.40 -18.85
C ARG B 220 8.92 -12.85 -17.63
N GLU B 221 9.94 -12.09 -17.28
CA GLU B 221 10.85 -12.51 -16.24
C GLU B 221 10.21 -12.34 -14.85
N ARG B 222 9.53 -11.20 -14.65
CA ARG B 222 9.06 -10.79 -13.32
C ARG B 222 7.56 -10.99 -13.08
N ARG B 223 6.76 -10.91 -14.15
CA ARG B 223 5.30 -11.05 -14.06
C ARG B 223 4.76 -11.98 -15.14
N PRO B 224 5.16 -13.25 -15.12
CA PRO B 224 4.69 -14.20 -16.13
C PRO B 224 3.18 -14.43 -16.11
N ASP B 225 2.55 -14.19 -14.98
CA ASP B 225 1.09 -14.16 -14.93
C ASP B 225 0.46 -13.12 -15.88
N LEU B 226 1.20 -12.06 -16.21
CA LEU B 226 0.74 -11.08 -17.22
C LEU B 226 0.96 -11.52 -18.68
#